data_2HRY
#
_entry.id   2HRY
#
_cell.length_a   56.617
_cell.length_b   69.997
_cell.length_c   133.476
_cell.angle_alpha   90.00
_cell.angle_beta   90.00
_cell.angle_gamma   90.00
#
_symmetry.space_group_name_H-M   'P 21 21 21'
#
loop_
_entity.id
_entity.type
_entity.pdbx_description
1 polymer 'Phosphoribosylformylglycinamidine synthase II'
2 non-polymer 'MAGNESIUM ION'
3 non-polymer 'PHOSPHATE ION'
4 non-polymer 'PHOSPHOMETHYLPHOSPHONIC ACID ADENYLATE ESTER'
5 water water
#
_entity_poly.entity_id   1
_entity_poly.type   'polypeptide(L)'
_entity_poly.pdbx_seq_one_letter_code
;MKLRYLNILKEKLGREPTFVELQAFSVMWSEHCGYSHTKKYIRRLPKTGFEGNAGVVNLDDYYSVAFKIESANHPSAIEP
YNGAATGVGGIIRDVLAMGARPTAIFDSLHMSRIIDGIIEGIADYGNSIGVPTVGGELRISSLYAHNPLVNVLAAGVVRN
DMLVDSKASRPGQVIVIFGGATGRDGIHGASFASEDLTGDKATKLSIQVGDPFAEKMLIEAFLEMVEEGLVEGAQDLGAG
GVLSATSELVAKGNLGAIVHLDRVPLREPDMEPWEILISESQERMAVVTSPQKASRILEIARKHLLFGDVVAEVIEEPVY
RVMYRNDLVMEVPVQLLANAPEEDIVEYTPGKIPEFKRVEFEEVNAREVFEQYDHMVGTDTVVPPGFGAAVMRIKRDGGY
SLVTHSRADLALQDTYWGTLIAVLESVRKTLSVGAEPLAITNCVNYGDPDVDPVGLSAMMTALKNACEFSGVPVASGNAS
LYNTYQGKPIPPTLVVGMLGKVNPQKVAKPKPSKVFAVGWNDFELEREKELWRAIRKLSEEGAFILSSSQLLTRTHVETF
REYGLKIEVKLPEVRPAHQMVLVFSERTPVVDVPVKEIGTLSR
;
_entity_poly.pdbx_strand_id   A
#
# COMPACT_ATOMS: atom_id res chain seq x y z
N LYS A 2 14.60 -5.28 21.44
CA LYS A 2 14.26 -6.69 21.78
C LYS A 2 14.67 -7.01 23.21
N LEU A 3 15.42 -6.11 23.83
CA LEU A 3 15.86 -6.34 25.20
C LEU A 3 14.64 -6.29 26.11
N ARG A 4 13.93 -5.16 26.07
CA ARG A 4 12.73 -4.98 26.89
C ARG A 4 11.77 -6.10 26.53
N TYR A 5 11.62 -6.34 25.23
CA TYR A 5 10.73 -7.38 24.71
C TYR A 5 11.03 -8.76 25.25
N LEU A 6 12.27 -9.22 25.09
CA LEU A 6 12.68 -10.53 25.60
C LEU A 6 12.20 -10.68 27.03
N ASN A 7 12.43 -9.65 27.85
CA ASN A 7 11.99 -9.68 29.24
C ASN A 7 10.50 -9.95 29.24
N ILE A 8 9.77 -9.01 28.61
CA ILE A 8 8.33 -9.08 28.50
C ILE A 8 7.88 -10.47 28.05
N LEU A 9 8.45 -10.93 26.93
CA LEU A 9 8.12 -12.26 26.42
C LEU A 9 8.36 -13.31 27.50
N LYS A 10 9.42 -13.09 28.27
CA LYS A 10 9.80 -13.99 29.35
C LYS A 10 8.82 -13.96 30.50
N GLU A 11 8.43 -12.76 30.91
CA GLU A 11 7.48 -12.61 32.01
C GLU A 11 6.17 -13.28 31.60
N LYS A 12 5.80 -13.10 30.33
CA LYS A 12 4.59 -13.68 29.81
C LYS A 12 4.69 -15.19 29.70
N LEU A 13 5.90 -15.67 29.43
CA LEU A 13 6.10 -17.10 29.32
C LEU A 13 6.24 -17.70 30.71
N GLY A 14 6.53 -16.85 31.69
CA GLY A 14 6.70 -17.32 33.06
C GLY A 14 7.94 -18.19 33.15
N ARG A 15 8.67 -18.25 32.04
CA ARG A 15 9.88 -19.05 31.97
C ARG A 15 10.84 -18.52 30.92
N GLU A 16 11.84 -19.32 30.57
CA GLU A 16 12.84 -18.94 29.58
C GLU A 16 12.46 -19.45 28.19
N PRO A 17 12.34 -18.54 27.21
CA PRO A 17 11.98 -18.83 25.83
C PRO A 17 12.77 -19.97 25.19
N THR A 18 12.08 -20.72 24.34
CA THR A 18 12.71 -21.83 23.64
C THR A 18 13.32 -21.26 22.37
N PHE A 19 14.17 -22.05 21.71
CA PHE A 19 14.78 -21.56 20.49
C PHE A 19 13.65 -21.06 19.59
N VAL A 20 12.76 -21.97 19.21
CA VAL A 20 11.63 -21.65 18.35
C VAL A 20 10.82 -20.46 18.86
N GLU A 21 10.65 -20.36 20.17
CA GLU A 21 9.90 -19.26 20.75
C GLU A 21 10.55 -17.93 20.40
N LEU A 22 11.83 -17.81 20.75
CA LEU A 22 12.60 -16.60 20.48
C LEU A 22 12.59 -16.37 18.97
N GLN A 23 12.79 -17.46 18.23
CA GLN A 23 12.80 -17.42 16.78
C GLN A 23 11.48 -16.82 16.29
N ALA A 24 10.37 -17.37 16.78
CA ALA A 24 9.03 -16.91 16.41
C ALA A 24 8.76 -15.47 16.84
N PHE A 25 8.86 -15.20 18.14
CA PHE A 25 8.60 -13.85 18.62
C PHE A 25 9.58 -12.84 18.04
N SER A 26 10.69 -13.35 17.51
CA SER A 26 11.68 -12.50 16.87
C SER A 26 10.96 -11.84 15.68
N VAL A 27 10.12 -12.62 15.01
CA VAL A 27 9.36 -12.15 13.85
C VAL A 27 8.15 -11.35 14.25
N MET A 28 7.24 -12.02 14.96
CA MET A 28 5.98 -11.44 15.41
C MET A 28 6.07 -10.12 16.16
N TRP A 29 7.15 -9.94 16.91
CA TRP A 29 7.34 -8.72 17.68
C TRP A 29 8.26 -7.72 16.99
N SER A 30 9.02 -8.21 16.01
CA SER A 30 9.88 -7.35 15.23
C SER A 30 8.99 -6.21 14.77
N GLU A 31 9.52 -4.99 14.74
CA GLU A 31 8.71 -3.85 14.31
C GLU A 31 7.87 -4.14 13.06
N HIS A 32 8.47 -4.81 12.07
CA HIS A 32 7.79 -5.12 10.80
C HIS A 32 6.47 -5.90 10.92
N CYS A 33 6.41 -6.82 11.88
CA CYS A 33 5.20 -7.61 12.05
C CYS A 33 4.49 -7.16 13.32
N GLY A 34 5.25 -6.46 14.17
CA GLY A 34 4.73 -5.98 15.45
C GLY A 34 4.08 -4.61 15.47
N TYR A 35 4.73 -3.60 14.93
CA TYR A 35 4.17 -2.24 14.92
C TYR A 35 4.11 -1.67 16.31
N SER A 36 5.16 -1.93 17.09
CA SER A 36 5.19 -1.48 18.47
C SER A 36 5.16 0.03 18.62
N HIS A 37 5.77 0.75 17.68
CA HIS A 37 5.81 2.21 17.75
C HIS A 37 4.62 2.87 17.06
N THR A 38 3.98 2.15 16.14
CA THR A 38 2.87 2.71 15.38
C THR A 38 1.46 2.17 15.71
N LYS A 39 1.38 1.03 16.37
CA LYS A 39 0.10 0.40 16.71
C LYS A 39 -0.89 1.34 17.37
N LYS A 40 -0.46 2.01 18.43
CA LYS A 40 -1.33 2.94 19.13
C LYS A 40 -1.63 4.14 18.23
N TYR A 41 -0.65 4.58 17.45
CA TYR A 41 -0.88 5.72 16.54
C TYR A 41 -1.91 5.36 15.47
N ILE A 42 -1.92 4.09 15.05
CA ILE A 42 -2.84 3.61 14.03
C ILE A 42 -4.26 3.38 14.58
N ARG A 43 -4.35 2.92 15.82
CA ARG A 43 -5.64 2.69 16.44
C ARG A 43 -6.38 4.02 16.58
N ARG A 44 -5.62 5.11 16.52
CA ARG A 44 -6.20 6.44 16.65
C ARG A 44 -6.77 6.95 15.33
N LEU A 45 -6.21 6.48 14.21
CA LEU A 45 -6.66 6.88 12.89
C LEU A 45 -8.07 6.40 12.59
N PRO A 46 -8.85 7.20 11.86
CA PRO A 46 -10.22 6.84 11.49
C PRO A 46 -10.11 5.70 10.48
N LYS A 47 -11.04 4.76 10.49
CA LYS A 47 -10.93 3.65 9.53
C LYS A 47 -12.20 3.25 8.80
N THR A 48 -12.17 2.05 8.22
CA THR A 48 -13.30 1.47 7.47
C THR A 48 -12.98 0.03 7.11
N GLY A 55 -8.06 -4.04 3.68
CA GLY A 55 -8.53 -2.75 3.23
C GLY A 55 -9.43 -2.83 2.02
N VAL A 56 -10.70 -3.16 2.26
CA VAL A 56 -11.68 -3.27 1.18
C VAL A 56 -12.79 -2.24 1.33
N VAL A 57 -12.72 -1.20 0.52
CA VAL A 57 -13.71 -0.14 0.53
C VAL A 57 -14.78 -0.49 -0.48
N ASN A 58 -16.05 -0.44 -0.07
CA ASN A 58 -17.13 -0.74 -0.99
C ASN A 58 -17.04 0.27 -2.13
N LEU A 59 -17.80 0.06 -3.19
CA LEU A 59 -17.73 0.99 -4.30
C LEU A 59 -19.09 1.32 -4.90
N ASP A 60 -19.98 0.34 -4.98
CA ASP A 60 -21.29 0.55 -5.56
C ASP A 60 -22.32 -0.43 -5.00
N ASP A 61 -22.09 -0.89 -3.77
CA ASP A 61 -22.99 -1.83 -3.13
C ASP A 61 -22.99 -3.20 -3.82
N TYR A 62 -22.12 -3.33 -4.82
CA TYR A 62 -22.00 -4.59 -5.53
C TYR A 62 -20.53 -4.91 -5.70
N TYR A 63 -19.72 -3.87 -5.91
CA TYR A 63 -18.30 -4.06 -6.06
C TYR A 63 -17.55 -3.28 -5.01
N SER A 64 -16.44 -3.85 -4.59
CA SER A 64 -15.58 -3.24 -3.61
C SER A 64 -14.17 -3.33 -4.14
N VAL A 65 -13.37 -2.33 -3.85
CA VAL A 65 -12.00 -2.35 -4.31
C VAL A 65 -11.14 -2.63 -3.10
N ALA A 66 -10.37 -3.69 -3.21
CA ALA A 66 -9.44 -4.11 -2.18
C ALA A 66 -8.11 -3.49 -2.62
N PHE A 67 -7.49 -2.68 -1.76
CA PHE A 67 -6.23 -2.05 -2.12
C PHE A 67 -5.40 -1.81 -0.89
N LYS A 68 -4.09 -1.82 -1.07
CA LYS A 68 -3.16 -1.59 0.03
C LYS A 68 -1.80 -1.16 -0.51
N ILE A 69 -1.05 -0.48 0.36
CA ILE A 69 0.28 0.02 0.03
C ILE A 69 1.28 -0.76 0.92
N GLU A 70 2.51 -0.87 0.45
CA GLU A 70 3.51 -1.60 1.20
C GLU A 70 4.86 -1.06 0.81
N SER A 71 5.83 -1.19 1.70
CA SER A 71 7.16 -0.71 1.39
C SER A 71 8.07 -1.93 1.29
N ALA A 72 9.13 -1.80 0.49
CA ALA A 72 10.11 -2.86 0.29
C ALA A 72 11.43 -2.12 0.47
N ASN A 73 11.46 -1.25 1.46
CA ASN A 73 12.63 -0.44 1.73
C ASN A 73 13.93 -1.18 1.97
N HIS A 74 14.10 -1.74 3.16
CA HIS A 74 15.34 -2.46 3.49
C HIS A 74 15.69 -3.51 2.44
N PRO A 75 14.70 -4.32 2.03
CA PRO A 75 15.02 -5.33 1.02
C PRO A 75 15.70 -4.63 -0.16
N SER A 76 14.98 -3.67 -0.73
CA SER A 76 15.45 -2.90 -1.88
C SER A 76 16.80 -2.23 -1.73
N ALA A 77 17.05 -1.64 -0.56
CA ALA A 77 18.34 -0.99 -0.30
C ALA A 77 19.46 -1.99 -0.59
N ILE A 78 19.17 -3.27 -0.35
CA ILE A 78 20.12 -4.35 -0.57
C ILE A 78 20.03 -4.83 -2.02
N GLU A 79 18.85 -5.31 -2.40
CA GLU A 79 18.53 -5.83 -3.72
C GLU A 79 17.43 -5.00 -4.38
N PRO A 80 17.78 -3.86 -4.99
CA PRO A 80 16.78 -3.02 -5.64
C PRO A 80 15.76 -3.82 -6.45
N TYR A 81 16.30 -4.67 -7.33
CA TYR A 81 15.49 -5.48 -8.20
C TYR A 81 14.59 -6.46 -7.49
N ASN A 82 15.21 -7.34 -6.70
CA ASN A 82 14.46 -8.34 -5.98
C ASN A 82 13.62 -7.73 -4.89
N GLY A 83 14.19 -6.80 -4.14
CA GLY A 83 13.44 -6.16 -3.08
C GLY A 83 12.11 -5.64 -3.60
N ALA A 84 12.20 -4.73 -4.57
CA ALA A 84 11.02 -4.13 -5.16
C ALA A 84 10.06 -5.18 -5.67
N ALA A 85 10.56 -6.11 -6.47
CA ALA A 85 9.73 -7.17 -7.04
C ALA A 85 9.01 -7.94 -5.95
N THR A 86 9.77 -8.30 -4.91
CA THR A 86 9.23 -9.04 -3.79
C THR A 86 8.13 -8.22 -3.09
N GLY A 87 8.34 -6.92 -3.01
CA GLY A 87 7.36 -6.05 -2.40
C GLY A 87 6.08 -6.11 -3.22
N VAL A 88 6.24 -6.09 -4.53
CA VAL A 88 5.11 -6.16 -5.46
C VAL A 88 4.38 -7.48 -5.22
N GLY A 89 5.12 -8.58 -5.37
CA GLY A 89 4.55 -9.88 -5.18
C GLY A 89 3.76 -9.96 -3.90
N GLY A 90 4.38 -9.56 -2.81
CA GLY A 90 3.73 -9.59 -1.52
C GLY A 90 2.47 -8.74 -1.43
N ILE A 91 2.57 -7.49 -1.88
CA ILE A 91 1.41 -6.59 -1.83
C ILE A 91 0.23 -7.09 -2.67
N ILE A 92 0.54 -7.80 -3.76
CA ILE A 92 -0.48 -8.34 -4.64
C ILE A 92 -1.21 -9.44 -3.88
N ARG A 93 -0.46 -10.25 -3.15
CA ARG A 93 -1.08 -11.31 -2.39
C ARG A 93 -2.00 -10.72 -1.32
N ASP A 94 -1.57 -9.63 -0.69
CA ASP A 94 -2.38 -8.99 0.34
C ASP A 94 -3.74 -8.64 -0.25
N VAL A 95 -3.73 -8.19 -1.50
CA VAL A 95 -4.97 -7.82 -2.17
C VAL A 95 -5.70 -9.08 -2.64
N LEU A 96 -4.95 -9.99 -3.24
CA LEU A 96 -5.52 -11.23 -3.73
C LEU A 96 -6.22 -11.93 -2.61
N ALA A 97 -5.58 -11.97 -1.45
CA ALA A 97 -6.11 -12.63 -0.26
C ALA A 97 -7.44 -12.04 0.15
N MET A 98 -7.63 -10.77 -0.18
CA MET A 98 -8.89 -10.12 0.16
C MET A 98 -9.98 -10.66 -0.77
N GLY A 99 -9.59 -11.62 -1.60
CA GLY A 99 -10.51 -12.25 -2.53
C GLY A 99 -10.69 -11.43 -3.79
N ALA A 100 -10.01 -10.30 -3.86
CA ALA A 100 -10.11 -9.42 -5.02
C ALA A 100 -9.12 -9.79 -6.10
N ARG A 101 -9.55 -9.71 -7.35
CA ARG A 101 -8.67 -10.01 -8.46
C ARG A 101 -7.81 -8.76 -8.59
N PRO A 102 -6.47 -8.89 -8.42
CA PRO A 102 -5.54 -7.76 -8.52
C PRO A 102 -5.69 -7.13 -9.89
N THR A 103 -6.06 -5.86 -9.92
CA THR A 103 -6.27 -5.22 -11.21
C THR A 103 -5.30 -4.10 -11.54
N ALA A 104 -4.58 -3.61 -10.54
CA ALA A 104 -3.63 -2.54 -10.82
C ALA A 104 -2.62 -2.28 -9.72
N ILE A 105 -1.35 -2.23 -10.13
CA ILE A 105 -0.22 -1.97 -9.26
C ILE A 105 0.08 -0.49 -9.33
N PHE A 106 0.57 0.07 -8.24
CA PHE A 106 0.94 1.48 -8.18
C PHE A 106 2.20 1.53 -7.34
N ASP A 107 3.18 2.33 -7.74
CA ASP A 107 4.37 2.41 -6.92
C ASP A 107 4.70 3.85 -6.56
N SER A 108 5.35 4.01 -5.41
CA SER A 108 5.76 5.30 -4.92
C SER A 108 7.24 5.17 -4.60
N LEU A 109 8.07 5.45 -5.61
CA LEU A 109 9.51 5.32 -5.43
C LEU A 109 10.15 6.61 -4.99
N HIS A 110 11.06 6.49 -4.02
CA HIS A 110 11.78 7.62 -3.45
C HIS A 110 13.23 7.20 -3.46
N MET A 111 14.01 7.79 -4.35
CA MET A 111 15.41 7.43 -4.47
C MET A 111 16.29 8.65 -4.74
N SER A 112 17.60 8.47 -4.55
CA SER A 112 18.58 9.52 -4.78
C SER A 112 18.91 9.60 -6.26
N ARG A 113 18.35 8.67 -7.03
CA ARG A 113 18.60 8.61 -8.46
C ARG A 113 17.64 7.59 -9.06
N ILE A 114 17.64 7.46 -10.38
CA ILE A 114 16.79 6.48 -11.06
C ILE A 114 17.44 5.10 -10.96
N ILE A 115 17.07 4.35 -9.93
CA ILE A 115 17.60 3.02 -9.69
C ILE A 115 16.81 2.01 -10.51
N ASP A 116 17.30 1.74 -11.71
CA ASP A 116 16.66 0.82 -12.64
C ASP A 116 16.22 -0.47 -11.96
N GLY A 117 17.08 -1.00 -11.08
CA GLY A 117 16.76 -2.23 -10.39
C GLY A 117 15.35 -2.24 -9.85
N ILE A 118 15.00 -1.17 -9.14
CA ILE A 118 13.68 -1.00 -8.54
C ILE A 118 12.56 -0.90 -9.58
N ILE A 119 12.76 -0.05 -10.58
CA ILE A 119 11.78 0.15 -11.64
C ILE A 119 11.50 -1.15 -12.37
N GLU A 120 12.57 -1.81 -12.82
CA GLU A 120 12.41 -3.07 -13.53
C GLU A 120 11.83 -4.13 -12.61
N GLY A 121 12.40 -4.27 -11.42
CA GLY A 121 11.90 -5.24 -10.47
C GLY A 121 10.39 -5.14 -10.36
N ILE A 122 9.90 -3.92 -10.13
CA ILE A 122 8.47 -3.68 -10.03
C ILE A 122 7.77 -4.02 -11.34
N ALA A 123 8.31 -3.48 -12.43
CA ALA A 123 7.79 -3.68 -13.78
C ALA A 123 7.71 -5.12 -14.25
N ASP A 124 8.83 -5.83 -14.18
CA ASP A 124 8.85 -7.23 -14.61
C ASP A 124 7.81 -8.06 -13.88
N TYR A 125 7.87 -8.04 -12.56
CA TYR A 125 6.94 -8.79 -11.73
C TYR A 125 5.51 -8.57 -12.18
N GLY A 126 5.06 -7.33 -12.09
CA GLY A 126 3.71 -7.02 -12.50
C GLY A 126 3.39 -7.60 -13.86
N ASN A 127 4.25 -7.35 -14.83
CA ASN A 127 3.99 -7.86 -16.16
C ASN A 127 3.91 -9.37 -16.10
N SER A 128 4.88 -9.98 -15.44
CA SER A 128 4.90 -11.43 -15.33
C SER A 128 3.61 -12.00 -14.76
N ILE A 129 2.98 -11.30 -13.80
CA ILE A 129 1.73 -11.80 -13.24
C ILE A 129 0.51 -11.23 -13.93
N GLY A 130 0.74 -10.45 -14.98
CA GLY A 130 -0.35 -9.87 -15.74
C GLY A 130 -1.07 -8.70 -15.08
N VAL A 131 -0.48 -8.13 -14.03
CA VAL A 131 -1.14 -7.01 -13.40
C VAL A 131 -0.51 -5.70 -13.84
N PRO A 132 -1.24 -4.93 -14.63
CA PRO A 132 -0.73 -3.66 -15.13
C PRO A 132 -0.17 -2.80 -14.01
N THR A 133 0.85 -2.02 -14.36
CA THR A 133 1.45 -1.12 -13.40
C THR A 133 0.90 0.23 -13.81
N VAL A 134 -0.38 0.45 -13.53
CA VAL A 134 -1.07 1.68 -13.89
C VAL A 134 -0.31 2.98 -13.64
N GLY A 135 -0.37 3.47 -12.39
CA GLY A 135 0.29 4.70 -12.05
C GLY A 135 1.45 4.57 -11.09
N GLY A 136 1.78 5.68 -10.46
CA GLY A 136 2.87 5.67 -9.51
C GLY A 136 3.23 7.07 -9.04
N GLU A 137 4.49 7.23 -8.67
CA GLU A 137 5.03 8.47 -8.16
C GLU A 137 6.53 8.23 -8.08
N LEU A 138 7.32 9.27 -8.34
CA LEU A 138 8.76 9.11 -8.30
C LEU A 138 9.37 10.37 -7.72
N ARG A 139 10.06 10.23 -6.60
CA ARG A 139 10.68 11.40 -5.99
C ARG A 139 12.16 11.19 -5.89
N ILE A 140 12.93 12.09 -6.48
CA ILE A 140 14.38 11.97 -6.44
C ILE A 140 15.00 12.95 -5.46
N SER A 141 15.76 12.41 -4.52
CA SER A 141 16.43 13.20 -3.49
C SER A 141 17.67 12.49 -2.95
N SER A 142 18.80 13.18 -2.95
CA SER A 142 20.03 12.60 -2.43
C SER A 142 19.77 12.05 -1.03
N LEU A 143 18.83 12.71 -0.34
CA LEU A 143 18.44 12.34 1.01
C LEU A 143 18.00 10.88 1.15
N TYR A 144 17.79 10.20 0.03
CA TYR A 144 17.35 8.79 0.03
C TYR A 144 18.45 7.91 -0.55
N ALA A 145 19.65 8.45 -0.63
CA ALA A 145 20.81 7.75 -1.20
C ALA A 145 20.98 6.30 -0.75
N HIS A 146 20.96 6.08 0.56
CA HIS A 146 21.16 4.76 1.11
C HIS A 146 19.86 4.13 1.59
N ASN A 147 18.78 4.90 1.51
CA ASN A 147 17.47 4.39 1.92
C ASN A 147 16.41 4.65 0.84
N PRO A 148 16.38 3.79 -0.19
CA PRO A 148 15.39 3.94 -1.26
C PRO A 148 14.01 3.55 -0.74
N LEU A 149 13.03 4.44 -0.85
CA LEU A 149 11.70 4.09 -0.38
C LEU A 149 10.91 3.51 -1.53
N VAL A 150 10.75 2.19 -1.51
CA VAL A 150 10.03 1.50 -2.56
C VAL A 150 8.68 1.12 -1.98
N ASN A 151 7.69 1.96 -2.25
CA ASN A 151 6.34 1.69 -1.78
C ASN A 151 5.51 1.18 -2.95
N VAL A 152 4.85 0.04 -2.75
CA VAL A 152 4.04 -0.53 -3.79
C VAL A 152 2.59 -0.69 -3.31
N LEU A 153 1.68 -0.15 -4.11
CA LEU A 153 0.27 -0.21 -3.81
C LEU A 153 -0.38 -1.07 -4.88
N ALA A 154 -1.35 -1.88 -4.48
CA ALA A 154 -2.04 -2.75 -5.41
C ALA A 154 -3.53 -2.64 -5.17
N ALA A 155 -4.33 -2.74 -6.22
CA ALA A 155 -5.78 -2.66 -6.06
C ALA A 155 -6.45 -3.70 -6.95
N GLY A 156 -7.60 -4.16 -6.48
CA GLY A 156 -8.34 -5.14 -7.24
C GLY A 156 -9.81 -4.96 -7.01
N VAL A 157 -10.60 -5.67 -7.79
CA VAL A 157 -12.04 -5.58 -7.66
C VAL A 157 -12.55 -6.89 -7.06
N VAL A 158 -13.57 -6.77 -6.24
CA VAL A 158 -14.16 -7.93 -5.59
C VAL A 158 -15.64 -7.68 -5.31
N ARG A 159 -16.49 -8.59 -5.80
CA ARG A 159 -17.92 -8.51 -5.59
C ARG A 159 -18.12 -8.57 -4.08
N ASN A 160 -18.97 -7.71 -3.56
CA ASN A 160 -19.21 -7.65 -2.13
C ASN A 160 -19.72 -8.97 -1.56
N ASP A 161 -20.20 -9.84 -2.44
CA ASP A 161 -20.72 -11.13 -2.02
C ASP A 161 -19.68 -12.23 -2.25
N MET A 162 -18.42 -11.81 -2.40
CA MET A 162 -17.33 -12.75 -2.61
C MET A 162 -16.18 -12.26 -1.75
N LEU A 163 -16.48 -11.26 -0.92
CA LEU A 163 -15.46 -10.71 -0.04
C LEU A 163 -14.95 -11.83 0.86
N VAL A 164 -13.65 -12.04 0.82
CA VAL A 164 -13.02 -13.09 1.62
C VAL A 164 -12.63 -12.55 2.98
N ASP A 165 -13.16 -13.18 4.04
CA ASP A 165 -12.82 -12.79 5.39
C ASP A 165 -11.32 -13.03 5.51
N SER A 166 -10.61 -12.17 6.23
CA SER A 166 -9.18 -12.33 6.37
C SER A 166 -8.80 -12.93 7.70
N LYS A 167 -9.58 -13.91 8.14
CA LYS A 167 -9.29 -14.56 9.42
C LYS A 167 -10.14 -15.79 9.69
N ALA A 168 -9.63 -16.65 10.56
CA ALA A 168 -10.33 -17.86 10.94
C ALA A 168 -11.51 -17.37 11.78
N SER A 169 -12.64 -18.07 11.69
CA SER A 169 -13.81 -17.65 12.43
C SER A 169 -14.68 -18.79 12.91
N ARG A 170 -14.10 -19.97 13.09
CA ARG A 170 -14.87 -21.12 13.54
C ARG A 170 -14.01 -22.34 13.85
N PRO A 171 -14.07 -22.86 15.10
CA PRO A 171 -13.24 -24.03 15.37
C PRO A 171 -13.64 -25.06 14.32
N GLY A 172 -12.70 -25.88 13.89
CA GLY A 172 -13.00 -26.87 12.89
C GLY A 172 -12.45 -26.44 11.55
N GLN A 173 -12.54 -25.16 11.26
CA GLN A 173 -12.00 -24.66 10.01
C GLN A 173 -10.55 -25.10 10.01
N VAL A 174 -10.01 -25.28 8.81
CA VAL A 174 -8.62 -25.66 8.71
C VAL A 174 -7.96 -24.61 7.83
N ILE A 175 -6.64 -24.50 7.94
CA ILE A 175 -5.95 -23.54 7.11
C ILE A 175 -5.07 -24.31 6.15
N VAL A 176 -5.21 -23.95 4.88
CA VAL A 176 -4.43 -24.55 3.82
C VAL A 176 -3.35 -23.55 3.44
N ILE A 177 -2.15 -24.05 3.21
CA ILE A 177 -1.05 -23.20 2.79
C ILE A 177 -0.74 -23.68 1.37
N PHE A 178 -0.92 -22.82 0.37
CA PHE A 178 -0.64 -23.26 -1.00
C PHE A 178 0.10 -22.21 -1.80
N GLY A 179 0.55 -22.61 -2.98
CA GLY A 179 1.29 -21.72 -3.86
C GLY A 179 2.68 -22.29 -4.04
N GLY A 180 3.69 -21.44 -4.02
CA GLY A 180 5.04 -21.93 -4.18
C GLY A 180 5.37 -22.73 -2.94
N ALA A 181 6.39 -23.58 -3.02
CA ALA A 181 6.78 -24.40 -1.89
C ALA A 181 7.59 -23.58 -0.88
N THR A 182 7.71 -24.11 0.33
CA THR A 182 8.47 -23.45 1.38
C THR A 182 9.91 -23.96 1.41
N GLY A 183 10.85 -23.03 1.51
CA GLY A 183 12.25 -23.39 1.57
C GLY A 183 12.92 -22.47 2.58
N ARG A 184 14.24 -22.57 2.70
CA ARG A 184 14.96 -21.72 3.64
C ARG A 184 15.10 -20.33 3.04
N ASP A 185 14.08 -19.49 3.23
CA ASP A 185 14.13 -18.14 2.70
C ASP A 185 13.85 -17.08 3.75
N GLY A 186 14.80 -16.18 3.94
CA GLY A 186 14.64 -15.12 4.92
C GLY A 186 14.72 -15.70 6.32
N ILE A 187 15.26 -16.91 6.42
CA ILE A 187 15.40 -17.59 7.71
C ILE A 187 16.83 -18.11 7.89
N VAL A 209 14.37 -15.23 -3.87
CA VAL A 209 13.73 -14.63 -5.03
C VAL A 209 12.53 -15.48 -5.46
N GLY A 210 11.39 -14.82 -5.67
CA GLY A 210 10.18 -15.54 -6.06
C GLY A 210 9.73 -15.17 -7.46
N ASP A 211 9.12 -16.13 -8.16
CA ASP A 211 8.67 -15.86 -9.51
C ASP A 211 7.19 -15.54 -9.63
N PRO A 212 6.86 -14.59 -10.51
CA PRO A 212 5.49 -14.16 -10.75
C PRO A 212 4.66 -15.28 -11.36
N PHE A 213 5.35 -16.22 -12.00
CA PHE A 213 4.70 -17.33 -12.65
C PHE A 213 3.92 -18.14 -11.62
N ALA A 214 4.54 -18.35 -10.46
CA ALA A 214 3.88 -19.07 -9.39
C ALA A 214 2.82 -18.14 -8.81
N GLU A 215 3.17 -16.86 -8.72
CA GLU A 215 2.28 -15.84 -8.21
C GLU A 215 1.02 -15.79 -9.06
N LYS A 216 1.20 -15.75 -10.37
CA LYS A 216 0.06 -15.69 -11.28
C LYS A 216 -0.80 -16.94 -11.12
N MET A 217 -0.14 -18.09 -10.97
CA MET A 217 -0.84 -19.34 -10.75
C MET A 217 -1.60 -19.21 -9.46
N LEU A 218 -0.94 -18.61 -8.47
CA LEU A 218 -1.53 -18.39 -7.16
C LEU A 218 -2.81 -17.56 -7.27
N ILE A 219 -2.74 -16.48 -8.04
CA ILE A 219 -3.90 -15.61 -8.23
C ILE A 219 -5.00 -16.43 -8.92
N GLU A 220 -4.68 -16.99 -10.08
CA GLU A 220 -5.65 -17.78 -10.81
C GLU A 220 -6.22 -18.86 -9.88
N ALA A 221 -5.32 -19.51 -9.14
CA ALA A 221 -5.72 -20.56 -8.22
C ALA A 221 -6.67 -20.04 -7.15
N PHE A 222 -6.15 -19.16 -6.28
CA PHE A 222 -6.95 -18.58 -5.21
C PHE A 222 -8.28 -18.00 -5.72
N LEU A 223 -8.22 -17.25 -6.81
CA LEU A 223 -9.44 -16.69 -7.37
C LEU A 223 -10.46 -17.78 -7.67
N GLU A 224 -9.98 -18.89 -8.23
CA GLU A 224 -10.87 -20.00 -8.58
C GLU A 224 -11.52 -20.54 -7.32
N MET A 225 -10.72 -20.69 -6.27
CA MET A 225 -11.19 -21.19 -4.98
C MET A 225 -12.28 -20.26 -4.41
N VAL A 226 -12.10 -18.96 -4.62
CA VAL A 226 -13.05 -17.96 -4.15
C VAL A 226 -14.35 -18.09 -4.94
N GLU A 227 -14.21 -18.13 -6.26
CA GLU A 227 -15.33 -18.27 -7.17
C GLU A 227 -16.17 -19.50 -6.81
N GLU A 228 -15.53 -20.51 -6.25
CA GLU A 228 -16.23 -21.72 -5.88
C GLU A 228 -16.77 -21.69 -4.46
N GLY A 229 -16.55 -20.57 -3.78
CA GLY A 229 -17.03 -20.45 -2.41
C GLY A 229 -16.34 -21.45 -1.50
N LEU A 230 -15.04 -21.56 -1.66
CA LEU A 230 -14.25 -22.49 -0.86
C LEU A 230 -13.47 -21.73 0.21
N VAL A 231 -12.97 -20.55 -0.14
CA VAL A 231 -12.19 -19.76 0.82
C VAL A 231 -13.04 -18.99 1.82
N GLU A 232 -13.08 -19.51 3.04
CA GLU A 232 -13.87 -18.90 4.12
C GLU A 232 -13.08 -17.77 4.77
N GLY A 233 -11.77 -17.82 4.61
CA GLY A 233 -10.88 -16.83 5.17
C GLY A 233 -9.51 -17.07 4.57
N ALA A 234 -8.66 -16.05 4.55
CA ALA A 234 -7.33 -16.19 3.98
C ALA A 234 -6.35 -15.10 4.39
N GLN A 235 -5.07 -15.41 4.20
CA GLN A 235 -4.00 -14.47 4.49
C GLN A 235 -2.81 -14.88 3.67
N ASP A 236 -2.19 -13.89 3.03
CA ASP A 236 -1.01 -14.18 2.23
C ASP A 236 0.17 -14.46 3.14
N LEU A 237 1.20 -15.08 2.59
CA LEU A 237 2.38 -15.37 3.35
C LEU A 237 3.54 -14.45 2.94
N GLY A 238 3.98 -13.61 3.89
CA GLY A 238 5.09 -12.73 3.66
C GLY A 238 5.97 -12.82 4.89
N ALA A 239 6.12 -11.70 5.57
CA ALA A 239 6.92 -11.65 6.79
C ALA A 239 6.37 -12.66 7.76
N GLY A 240 7.25 -13.41 8.41
CA GLY A 240 6.81 -14.41 9.37
C GLY A 240 6.36 -15.69 8.70
N GLY A 241 6.25 -15.66 7.37
CA GLY A 241 5.83 -16.83 6.63
C GLY A 241 4.63 -17.54 7.23
N VAL A 242 4.77 -18.87 7.38
CA VAL A 242 3.71 -19.72 7.93
C VAL A 242 3.27 -19.38 9.35
N LEU A 243 4.17 -18.82 10.15
CA LEU A 243 3.86 -18.45 11.53
C LEU A 243 2.86 -17.31 11.60
N SER A 244 3.17 -16.21 10.93
CA SER A 244 2.34 -15.03 10.93
C SER A 244 0.98 -15.26 10.32
N ALA A 245 0.94 -16.02 9.23
CA ALA A 245 -0.32 -16.28 8.54
C ALA A 245 -1.32 -16.99 9.43
N THR A 246 -0.89 -18.14 9.95
CA THR A 246 -1.70 -18.97 10.82
C THR A 246 -2.02 -18.32 12.17
N SER A 247 -0.99 -17.87 12.87
CA SER A 247 -1.15 -17.24 14.18
C SER A 247 -2.13 -16.08 14.08
N GLU A 248 -2.00 -15.32 12.99
CA GLU A 248 -2.85 -14.18 12.77
C GLU A 248 -4.22 -14.55 12.26
N LEU A 249 -4.29 -15.45 11.30
CA LEU A 249 -5.58 -15.84 10.77
C LEU A 249 -6.53 -16.22 11.91
N VAL A 250 -6.01 -16.93 12.91
CA VAL A 250 -6.85 -17.33 14.04
C VAL A 250 -6.91 -16.26 15.12
N ALA A 251 -5.78 -15.67 15.45
CA ALA A 251 -5.73 -14.61 16.46
C ALA A 251 -6.81 -13.59 16.15
N LYS A 252 -6.93 -13.24 14.88
CA LYS A 252 -7.92 -12.27 14.42
C LYS A 252 -9.32 -12.80 14.67
N GLY A 253 -9.43 -14.12 14.80
CA GLY A 253 -10.71 -14.74 15.06
C GLY A 253 -10.90 -15.05 16.54
N ASN A 254 -9.94 -14.66 17.36
CA ASN A 254 -10.01 -14.91 18.79
C ASN A 254 -10.14 -16.40 19.03
N LEU A 255 -9.51 -17.17 18.15
CA LEU A 255 -9.50 -18.63 18.20
C LEU A 255 -8.05 -19.10 18.34
N GLY A 256 -7.83 -20.38 18.18
CA GLY A 256 -6.48 -20.93 18.29
C GLY A 256 -6.16 -21.70 17.02
N ALA A 257 -5.03 -22.39 17.00
CA ALA A 257 -4.64 -23.16 15.83
C ALA A 257 -3.58 -24.20 16.11
N ILE A 258 -3.80 -25.40 15.62
CA ILE A 258 -2.84 -26.49 15.76
C ILE A 258 -2.18 -26.60 14.38
N VAL A 259 -0.96 -26.08 14.29
CA VAL A 259 -0.24 -26.08 13.02
C VAL A 259 0.68 -27.28 12.90
N HIS A 260 0.58 -27.98 11.78
CA HIS A 260 1.39 -29.18 11.53
C HIS A 260 2.44 -28.91 10.46
N LEU A 261 3.59 -28.44 10.91
CA LEU A 261 4.73 -28.11 10.05
C LEU A 261 5.06 -29.16 9.02
N ASP A 262 4.82 -30.42 9.35
CA ASP A 262 5.11 -31.53 8.44
C ASP A 262 4.23 -31.51 7.20
N ARG A 263 3.08 -30.85 7.29
CA ARG A 263 2.14 -30.78 6.17
C ARG A 263 2.44 -29.66 5.18
N VAL A 264 3.46 -28.85 5.49
CA VAL A 264 3.86 -27.76 4.61
C VAL A 264 4.76 -28.31 3.52
N PRO A 265 4.30 -28.28 2.26
CA PRO A 265 5.15 -28.79 1.18
C PRO A 265 6.41 -27.93 1.04
N LEU A 266 7.57 -28.55 1.23
CA LEU A 266 8.84 -27.82 1.17
C LEU A 266 9.64 -28.04 -0.09
N ARG A 267 10.58 -27.12 -0.32
CA ARG A 267 11.47 -27.19 -1.47
C ARG A 267 12.73 -27.87 -0.95
N GLU A 268 13.13 -27.48 0.25
CA GLU A 268 14.31 -28.04 0.92
C GLU A 268 13.73 -28.91 2.02
N PRO A 269 13.63 -30.23 1.78
CA PRO A 269 13.10 -31.29 2.66
C PRO A 269 13.73 -31.51 4.03
N ASP A 270 14.95 -31.03 4.23
CA ASP A 270 15.64 -31.22 5.49
C ASP A 270 15.41 -30.05 6.45
N MET A 271 14.59 -29.08 6.04
CA MET A 271 14.31 -27.92 6.88
C MET A 271 13.83 -28.32 8.28
N GLU A 272 14.14 -27.48 9.26
CA GLU A 272 13.71 -27.74 10.63
C GLU A 272 12.35 -27.08 10.89
N PRO A 273 11.59 -27.58 11.87
CA PRO A 273 10.28 -27.01 12.15
C PRO A 273 10.29 -25.49 12.26
N TRP A 274 11.29 -24.96 12.95
CA TRP A 274 11.36 -23.52 13.09
C TRP A 274 11.62 -22.89 11.73
N GLU A 275 12.41 -23.56 10.90
CA GLU A 275 12.72 -23.06 9.56
C GLU A 275 11.44 -23.06 8.74
N ILE A 276 10.69 -24.15 8.86
CA ILE A 276 9.41 -24.29 8.15
C ILE A 276 8.41 -23.25 8.67
N LEU A 277 8.43 -23.04 9.98
CA LEU A 277 7.51 -22.11 10.63
C LEU A 277 7.69 -20.63 10.29
N ILE A 278 8.93 -20.15 10.35
CA ILE A 278 9.20 -18.74 10.08
C ILE A 278 9.74 -18.43 8.68
N SER A 279 9.88 -19.46 7.85
CA SER A 279 10.37 -19.29 6.48
C SER A 279 9.51 -18.29 5.76
N GLU A 280 10.11 -17.48 4.91
CA GLU A 280 9.33 -16.50 4.19
C GLU A 280 9.34 -16.74 2.68
N SER A 281 9.25 -18.00 2.27
CA SER A 281 9.22 -18.30 0.84
C SER A 281 8.08 -17.52 0.22
N GLN A 282 8.25 -17.03 -1.00
CA GLN A 282 7.23 -16.21 -1.66
C GLN A 282 6.14 -16.98 -2.41
N GLU A 283 5.18 -16.23 -2.95
CA GLU A 283 4.07 -16.81 -3.70
C GLU A 283 3.40 -17.90 -2.88
N ARG A 284 2.93 -17.55 -1.68
CA ARG A 284 2.26 -18.50 -0.80
C ARG A 284 1.06 -17.86 -0.14
N MET A 285 -0.03 -18.61 -0.09
CA MET A 285 -1.27 -18.12 0.49
C MET A 285 -1.84 -19.13 1.47
N ALA A 286 -2.41 -18.61 2.55
CA ALA A 286 -3.06 -19.41 3.59
C ALA A 286 -4.58 -19.26 3.40
N VAL A 287 -5.25 -20.39 3.20
CA VAL A 287 -6.69 -20.41 2.98
C VAL A 287 -7.48 -21.06 4.10
N VAL A 288 -8.29 -20.25 4.80
CA VAL A 288 -9.12 -20.80 5.85
C VAL A 288 -10.38 -21.34 5.19
N THR A 289 -10.73 -22.59 5.49
CA THR A 289 -11.92 -23.23 4.92
C THR A 289 -12.46 -24.27 5.87
N SER A 290 -13.45 -25.00 5.38
CA SER A 290 -14.05 -26.08 6.15
C SER A 290 -13.31 -27.34 5.69
N PRO A 291 -13.07 -28.29 6.61
CA PRO A 291 -12.35 -29.50 6.21
C PRO A 291 -12.85 -30.08 4.88
N GLN A 292 -14.17 -30.02 4.67
CA GLN A 292 -14.79 -30.55 3.46
C GLN A 292 -14.41 -29.84 2.16
N LYS A 293 -13.95 -28.60 2.25
CA LYS A 293 -13.58 -27.85 1.05
C LYS A 293 -12.09 -27.92 0.73
N ALA A 294 -11.29 -28.30 1.73
CA ALA A 294 -9.84 -28.40 1.59
C ALA A 294 -9.39 -29.19 0.37
N SER A 295 -10.12 -30.27 0.07
CA SER A 295 -9.82 -31.14 -1.07
C SER A 295 -9.74 -30.38 -2.40
N ARG A 296 -10.81 -29.68 -2.75
CA ARG A 296 -10.86 -28.90 -3.98
C ARG A 296 -9.76 -27.85 -3.93
N ILE A 297 -9.67 -27.17 -2.78
CA ILE A 297 -8.67 -26.14 -2.56
C ILE A 297 -7.32 -26.66 -3.03
N LEU A 298 -7.02 -27.90 -2.65
CA LEU A 298 -5.78 -28.56 -3.00
C LEU A 298 -5.77 -28.99 -4.45
N GLU A 299 -6.92 -29.42 -4.94
CA GLU A 299 -7.04 -29.84 -6.32
C GLU A 299 -6.82 -28.61 -7.18
N ILE A 300 -7.58 -27.56 -6.90
CA ILE A 300 -7.47 -26.30 -7.65
C ILE A 300 -6.03 -25.83 -7.66
N ALA A 301 -5.37 -25.94 -6.51
CA ALA A 301 -3.99 -25.50 -6.40
C ALA A 301 -3.09 -26.33 -7.28
N ARG A 302 -3.06 -27.63 -6.99
CA ARG A 302 -2.24 -28.57 -7.73
C ARG A 302 -2.37 -28.51 -9.23
N LYS A 303 -3.60 -28.41 -9.73
CA LYS A 303 -3.80 -28.36 -11.18
C LYS A 303 -3.24 -27.04 -11.71
N HIS A 304 -2.95 -26.12 -10.81
CA HIS A 304 -2.38 -24.83 -11.18
C HIS A 304 -0.88 -24.88 -10.98
N LEU A 305 -0.40 -26.07 -10.68
CA LEU A 305 1.02 -26.32 -10.49
C LEU A 305 1.61 -25.68 -9.24
N LEU A 306 0.79 -25.58 -8.20
CA LEU A 306 1.20 -25.03 -6.92
C LEU A 306 1.20 -26.21 -5.96
N PHE A 307 1.80 -26.04 -4.79
CA PHE A 307 1.80 -27.12 -3.80
C PHE A 307 1.03 -26.60 -2.60
N GLY A 308 0.38 -27.50 -1.90
CA GLY A 308 -0.37 -27.05 -0.75
C GLY A 308 -0.92 -28.22 0.02
N ASP A 309 -1.24 -27.99 1.28
CA ASP A 309 -1.79 -29.03 2.13
C ASP A 309 -2.58 -28.34 3.21
N VAL A 310 -3.28 -29.14 4.01
CA VAL A 310 -4.05 -28.59 5.11
C VAL A 310 -3.04 -28.62 6.24
N VAL A 311 -2.43 -27.46 6.48
CA VAL A 311 -1.40 -27.32 7.49
C VAL A 311 -1.87 -27.15 8.92
N ALA A 312 -2.84 -26.27 9.12
CA ALA A 312 -3.35 -26.02 10.46
C ALA A 312 -4.83 -26.34 10.63
N GLU A 313 -5.28 -26.24 11.86
CA GLU A 313 -6.66 -26.50 12.25
C GLU A 313 -7.06 -25.40 13.20
N VAL A 314 -8.14 -24.71 12.89
CA VAL A 314 -8.61 -23.64 13.76
C VAL A 314 -9.36 -24.28 14.91
N ILE A 315 -8.86 -24.02 16.12
CA ILE A 315 -9.44 -24.54 17.35
C ILE A 315 -10.00 -23.40 18.20
N GLU A 316 -10.94 -23.72 19.07
CA GLU A 316 -11.54 -22.71 19.93
C GLU A 316 -10.54 -22.22 20.98
N GLU A 317 -9.72 -23.12 21.50
CA GLU A 317 -8.73 -22.72 22.48
C GLU A 317 -7.71 -21.77 21.84
N PRO A 318 -7.55 -20.55 22.39
CA PRO A 318 -6.64 -19.51 21.93
C PRO A 318 -5.15 -19.80 22.06
N VAL A 319 -4.78 -21.04 21.75
CA VAL A 319 -3.38 -21.45 21.80
C VAL A 319 -2.81 -21.61 20.40
N TYR A 320 -1.50 -21.42 20.27
CA TYR A 320 -0.83 -21.58 19.00
C TYR A 320 0.15 -22.73 19.16
N ARG A 321 -0.33 -23.93 18.86
CA ARG A 321 0.46 -25.15 18.99
C ARG A 321 1.08 -25.60 17.67
N VAL A 322 2.35 -25.25 17.46
CA VAL A 322 3.06 -25.64 16.27
C VAL A 322 3.50 -27.07 16.54
N MET A 323 3.26 -27.94 15.56
CA MET A 323 3.62 -29.34 15.68
C MET A 323 4.35 -29.78 14.44
N TYR A 324 5.16 -30.82 14.59
CA TYR A 324 5.87 -31.42 13.46
C TYR A 324 5.62 -32.89 13.74
N ARG A 325 4.48 -33.36 13.25
CA ARG A 325 4.05 -34.73 13.51
C ARG A 325 3.59 -34.66 14.96
N ASN A 326 3.95 -35.64 15.77
CA ASN A 326 3.52 -35.62 17.16
C ASN A 326 4.49 -34.86 18.04
N ASP A 327 5.50 -34.28 17.41
CA ASP A 327 6.51 -33.50 18.09
C ASP A 327 6.02 -32.09 18.38
N LEU A 328 5.81 -31.77 19.64
CA LEU A 328 5.38 -30.42 19.99
C LEU A 328 6.56 -29.52 19.72
N VAL A 329 6.42 -28.64 18.74
CA VAL A 329 7.50 -27.74 18.40
C VAL A 329 7.43 -26.50 19.27
N MET A 330 6.25 -25.91 19.31
CA MET A 330 6.05 -24.70 20.08
C MET A 330 4.60 -24.56 20.45
N GLU A 331 4.35 -24.06 21.64
CA GLU A 331 2.99 -23.85 22.08
C GLU A 331 3.03 -22.58 22.92
N VAL A 332 2.20 -21.62 22.51
CA VAL A 332 2.12 -20.33 23.19
C VAL A 332 0.73 -19.77 22.95
N PRO A 333 0.34 -18.76 23.74
CA PRO A 333 -0.99 -18.17 23.53
C PRO A 333 -0.98 -17.41 22.21
N VAL A 334 -1.80 -17.85 21.26
CA VAL A 334 -1.89 -17.19 19.96
C VAL A 334 -1.86 -15.69 20.14
N GLN A 335 -2.64 -15.20 21.10
CA GLN A 335 -2.73 -13.78 21.32
C GLN A 335 -1.44 -13.14 21.77
N LEU A 336 -0.59 -13.89 22.47
CA LEU A 336 0.70 -13.35 22.90
C LEU A 336 1.50 -13.06 21.62
N LEU A 337 1.46 -14.00 20.70
CA LEU A 337 2.14 -13.86 19.42
C LEU A 337 1.57 -12.68 18.67
N ALA A 338 0.24 -12.59 18.65
CA ALA A 338 -0.46 -11.53 17.95
C ALA A 338 -0.17 -10.13 18.50
N ASN A 339 -0.27 -9.96 19.81
CA ASN A 339 -0.02 -8.66 20.41
C ASN A 339 1.40 -8.47 20.87
N ALA A 340 2.16 -7.65 20.15
CA ALA A 340 3.53 -7.37 20.51
C ALA A 340 3.53 -6.19 21.48
N PRO A 341 4.64 -5.99 22.23
CA PRO A 341 4.76 -4.89 23.20
C PRO A 341 4.54 -3.53 22.53
N GLU A 342 3.55 -2.78 23.01
CA GLU A 342 3.26 -1.49 22.42
C GLU A 342 3.94 -0.32 23.11
N GLU A 343 4.76 0.40 22.36
CA GLU A 343 5.47 1.57 22.86
C GLU A 343 4.46 2.67 23.16
N ASP A 344 4.74 3.49 24.15
CA ASP A 344 3.83 4.58 24.48
C ASP A 344 3.78 5.49 23.27
N ILE A 345 2.94 6.51 23.34
CA ILE A 345 2.85 7.47 22.25
C ILE A 345 2.71 8.86 22.84
N VAL A 346 3.33 9.83 22.19
CA VAL A 346 3.26 11.21 22.65
C VAL A 346 2.29 12.03 21.82
N GLU A 347 1.44 12.79 22.51
CA GLU A 347 0.48 13.65 21.83
C GLU A 347 1.29 14.75 21.15
N TYR A 348 1.04 14.97 19.87
CA TYR A 348 1.77 16.00 19.14
C TYR A 348 0.85 17.17 18.78
N THR A 349 1.28 18.39 19.09
CA THR A 349 0.50 19.58 18.76
C THR A 349 1.40 20.27 17.73
N PRO A 350 0.81 20.63 16.59
CA PRO A 350 1.28 21.26 15.38
C PRO A 350 1.25 22.77 15.47
N GLY A 351 2.25 23.47 14.95
CA GLY A 351 2.25 24.93 15.01
C GLY A 351 1.92 25.56 13.67
N LYS A 352 2.08 26.88 13.58
CA LYS A 352 1.79 27.62 12.35
C LYS A 352 2.40 26.94 11.14
N ILE A 353 1.61 26.85 10.08
CA ILE A 353 2.09 26.24 8.85
C ILE A 353 3.35 27.02 8.45
N PRO A 354 4.47 26.30 8.30
CA PRO A 354 5.74 26.93 7.92
C PRO A 354 5.71 27.63 6.57
N GLU A 355 6.63 28.57 6.38
CA GLU A 355 6.73 29.27 5.12
C GLU A 355 7.74 28.43 4.35
N PHE A 356 7.33 27.22 4.02
CA PHE A 356 8.15 26.26 3.30
C PHE A 356 9.08 26.92 2.30
N LYS A 357 10.23 26.31 2.11
CA LYS A 357 11.20 26.82 1.17
C LYS A 357 11.79 25.72 0.29
N ARG A 358 12.55 26.14 -0.73
CA ARG A 358 13.18 25.24 -1.67
C ARG A 358 13.92 24.07 -1.01
N VAL A 359 13.42 22.87 -1.24
CA VAL A 359 14.03 21.63 -0.73
C VAL A 359 13.90 20.81 -2.01
N GLU A 360 14.74 21.13 -2.97
CA GLU A 360 14.63 20.52 -4.30
C GLU A 360 14.78 19.01 -4.33
N PHE A 361 13.91 18.37 -5.08
CA PHE A 361 13.95 16.93 -5.34
C PHE A 361 14.12 16.95 -6.87
N GLU A 362 15.35 17.03 -7.36
CA GLU A 362 15.56 17.12 -8.81
C GLU A 362 14.72 16.16 -9.63
N GLU A 363 13.66 16.71 -10.21
CA GLU A 363 12.74 15.95 -11.05
C GLU A 363 13.52 15.39 -12.23
N VAL A 364 13.31 14.10 -12.52
CA VAL A 364 13.99 13.44 -13.62
C VAL A 364 13.01 13.10 -14.73
N ASN A 365 13.43 13.32 -15.97
CA ASN A 365 12.60 13.03 -17.12
C ASN A 365 12.72 11.55 -17.42
N ALA A 366 12.69 10.74 -16.37
CA ALA A 366 12.82 9.29 -16.47
C ALA A 366 11.64 8.57 -17.14
N ARG A 367 11.11 9.14 -18.22
CA ARG A 367 10.00 8.53 -18.93
C ARG A 367 10.56 7.57 -19.97
N GLU A 368 11.84 7.73 -20.27
CA GLU A 368 12.52 6.87 -21.23
C GLU A 368 12.90 5.58 -20.52
N VAL A 369 13.24 5.73 -19.25
CA VAL A 369 13.63 4.60 -18.41
C VAL A 369 12.45 3.67 -18.14
N PHE A 370 11.27 4.24 -17.94
CA PHE A 370 10.09 3.43 -17.69
C PHE A 370 9.73 2.67 -18.95
N GLU A 371 9.91 3.34 -20.08
CA GLU A 371 9.61 2.74 -21.37
C GLU A 371 10.51 1.53 -21.58
N GLN A 372 11.79 1.70 -21.27
CA GLN A 372 12.77 0.63 -21.42
C GLN A 372 12.44 -0.60 -20.59
N TYR A 373 11.77 -0.40 -19.47
CA TYR A 373 11.43 -1.51 -18.59
C TYR A 373 9.92 -1.80 -18.60
N ASP A 374 9.18 -1.14 -19.47
CA ASP A 374 7.74 -1.31 -19.56
C ASP A 374 7.18 -1.13 -18.14
N HIS A 375 7.22 0.11 -17.67
CA HIS A 375 6.77 0.44 -16.33
C HIS A 375 5.85 1.66 -16.28
N MET A 376 4.75 1.55 -15.53
CA MET A 376 3.77 2.62 -15.39
C MET A 376 3.26 3.05 -16.76
N VAL A 377 3.48 2.18 -17.75
CA VAL A 377 3.06 2.43 -19.12
C VAL A 377 1.63 1.92 -19.32
N GLY A 378 0.94 1.71 -18.20
CA GLY A 378 -0.43 1.23 -18.23
C GLY A 378 -1.39 2.17 -18.94
N THR A 379 -1.69 1.84 -20.19
CA THR A 379 -2.57 2.64 -21.02
C THR A 379 -4.04 2.31 -20.80
N ASP A 380 -4.32 1.31 -19.98
CA ASP A 380 -5.69 0.90 -19.74
C ASP A 380 -6.37 1.58 -18.55
N THR A 381 -6.57 2.89 -18.68
CA THR A 381 -7.22 3.69 -17.63
C THR A 381 -8.28 4.56 -18.30
N VAL A 382 -9.18 5.15 -17.52
CA VAL A 382 -10.20 6.00 -18.13
C VAL A 382 -9.48 7.22 -18.67
N VAL A 383 -8.32 7.48 -18.08
CA VAL A 383 -7.51 8.60 -18.48
C VAL A 383 -6.09 8.35 -18.00
N PRO A 384 -5.09 8.61 -18.86
CA PRO A 384 -3.67 8.42 -18.56
C PRO A 384 -3.32 8.83 -17.14
N PRO A 385 -2.71 7.93 -16.36
CA PRO A 385 -2.35 8.27 -14.98
C PRO A 385 -1.38 9.44 -14.86
N GLY A 386 -0.65 9.70 -15.94
CA GLY A 386 0.32 10.79 -15.94
C GLY A 386 -0.27 12.15 -15.61
N PHE A 387 -1.59 12.22 -15.52
CA PHE A 387 -2.25 13.47 -15.20
C PHE A 387 -2.63 13.61 -13.75
N GLY A 388 -2.16 12.65 -12.95
CA GLY A 388 -2.44 12.66 -11.52
C GLY A 388 -3.00 11.34 -11.06
N ALA A 389 -4.29 11.36 -10.75
CA ALA A 389 -5.00 10.18 -10.29
C ALA A 389 -5.25 9.21 -11.43
N ALA A 390 -4.94 7.95 -11.22
CA ALA A 390 -5.17 6.94 -12.24
C ALA A 390 -6.60 6.46 -12.08
N VAL A 391 -7.37 6.56 -13.17
CA VAL A 391 -8.76 6.13 -13.15
C VAL A 391 -8.94 4.78 -13.81
N MET A 392 -9.68 3.92 -13.15
CA MET A 392 -9.97 2.58 -13.66
C MET A 392 -11.46 2.43 -13.56
N ARG A 393 -12.04 1.69 -14.51
CA ARG A 393 -13.47 1.49 -14.49
C ARG A 393 -13.75 0.02 -14.16
N ILE A 394 -14.81 -0.23 -13.42
CA ILE A 394 -15.16 -1.60 -13.09
C ILE A 394 -16.42 -1.90 -13.85
N LYS A 395 -16.99 -0.84 -14.44
CA LYS A 395 -18.22 -0.93 -15.19
C LYS A 395 -18.26 0.29 -16.10
N ARG A 396 -19.19 0.32 -17.06
CA ARG A 396 -19.29 1.45 -17.97
C ARG A 396 -19.43 2.77 -17.21
N ASP A 397 -20.40 2.82 -16.30
CA ASP A 397 -20.67 4.03 -15.51
C ASP A 397 -20.10 3.91 -14.11
N GLY A 398 -19.23 2.94 -13.92
CA GLY A 398 -18.64 2.77 -12.62
C GLY A 398 -17.14 2.67 -12.71
N GLY A 399 -16.46 3.16 -11.70
CA GLY A 399 -15.01 3.11 -11.71
C GLY A 399 -14.46 3.70 -10.45
N TYR A 400 -13.14 3.66 -10.30
CA TYR A 400 -12.49 4.22 -9.13
C TYR A 400 -11.18 4.88 -9.51
N SER A 401 -10.78 5.85 -8.68
CA SER A 401 -9.55 6.57 -8.89
C SER A 401 -8.55 6.03 -7.91
N LEU A 402 -7.28 6.29 -8.20
CA LEU A 402 -6.24 5.83 -7.31
C LEU A 402 -5.04 6.73 -7.50
N VAL A 403 -4.50 7.21 -6.40
CA VAL A 403 -3.35 8.07 -6.44
C VAL A 403 -2.44 7.72 -5.28
N THR A 404 -1.15 7.89 -5.52
CA THR A 404 -0.11 7.65 -4.53
C THR A 404 0.61 8.98 -4.45
N HIS A 405 0.45 9.66 -3.31
CA HIS A 405 1.08 10.97 -3.15
C HIS A 405 1.82 11.09 -1.84
N SER A 406 2.81 11.99 -1.82
CA SER A 406 3.61 12.25 -0.64
C SER A 406 4.32 13.58 -0.82
N ARG A 407 4.63 14.25 0.30
CA ARG A 407 5.32 15.53 0.26
C ARG A 407 6.47 15.47 1.25
N ALA A 408 7.43 14.60 0.96
CA ALA A 408 8.59 14.43 1.80
C ALA A 408 9.32 15.76 1.90
N ASP A 409 9.46 16.42 0.76
CA ASP A 409 10.14 17.72 0.68
C ASP A 409 9.63 18.67 1.77
N LEU A 410 8.32 18.66 1.97
CA LEU A 410 7.67 19.50 2.97
C LEU A 410 7.78 18.91 4.37
N ALA A 411 7.57 17.59 4.45
CA ALA A 411 7.62 16.85 5.71
C ALA A 411 9.00 16.95 6.37
N LEU A 412 9.99 17.21 5.54
CA LEU A 412 11.37 17.37 5.96
C LEU A 412 11.45 18.67 6.74
N GLN A 413 10.73 19.68 6.26
CA GLN A 413 10.68 21.01 6.88
C GLN A 413 9.75 21.03 8.09
N ASP A 414 8.69 20.24 8.03
CA ASP A 414 7.73 20.15 9.12
C ASP A 414 6.96 18.85 8.94
N THR A 415 7.34 17.84 9.71
CA THR A 415 6.71 16.53 9.63
C THR A 415 5.19 16.57 9.57
N TYR A 416 4.57 17.26 10.51
CA TYR A 416 3.12 17.36 10.58
C TYR A 416 2.50 17.92 9.30
N TRP A 417 2.61 19.23 9.10
CA TRP A 417 2.03 19.88 7.94
C TRP A 417 2.40 19.25 6.61
N GLY A 418 3.67 18.89 6.44
CA GLY A 418 4.06 18.26 5.19
C GLY A 418 3.23 17.02 4.96
N THR A 419 3.24 16.15 5.97
CA THR A 419 2.49 14.91 5.95
C THR A 419 1.01 15.18 5.74
N LEU A 420 0.49 16.17 6.47
CA LEU A 420 -0.91 16.54 6.37
C LEU A 420 -1.25 17.07 4.99
N ILE A 421 -0.43 18.00 4.49
CA ILE A 421 -0.65 18.57 3.18
C ILE A 421 -0.61 17.49 2.08
N ALA A 422 0.19 16.45 2.30
CA ALA A 422 0.30 15.35 1.33
C ALA A 422 -1.06 14.67 1.20
N VAL A 423 -1.78 14.60 2.32
CA VAL A 423 -3.09 13.99 2.29
C VAL A 423 -4.06 14.92 1.56
N LEU A 424 -3.97 16.21 1.83
CA LEU A 424 -4.86 17.18 1.20
C LEU A 424 -4.70 17.28 -0.30
N GLU A 425 -3.47 17.15 -0.77
CA GLU A 425 -3.19 17.27 -2.18
C GLU A 425 -3.62 16.02 -2.91
N SER A 426 -3.74 14.94 -2.16
CA SER A 426 -4.21 13.66 -2.70
C SER A 426 -5.72 13.82 -2.92
N VAL A 427 -6.37 14.53 -1.99
CA VAL A 427 -7.80 14.78 -2.08
C VAL A 427 -8.04 15.66 -3.28
N ARG A 428 -7.10 16.55 -3.58
CA ARG A 428 -7.25 17.43 -4.74
C ARG A 428 -7.21 16.57 -5.98
N LYS A 429 -6.11 15.83 -6.14
CA LYS A 429 -5.93 14.96 -7.30
C LYS A 429 -7.16 14.10 -7.51
N THR A 430 -7.67 13.51 -6.43
CA THR A 430 -8.87 12.69 -6.50
C THR A 430 -10.03 13.52 -7.03
N LEU A 431 -10.21 14.71 -6.46
CA LEU A 431 -11.25 15.61 -6.89
C LEU A 431 -11.02 16.05 -8.35
N SER A 432 -9.80 16.52 -8.65
CA SER A 432 -9.45 16.99 -9.98
C SER A 432 -9.85 16.02 -11.07
N VAL A 433 -10.00 14.76 -10.71
CA VAL A 433 -10.38 13.75 -11.71
C VAL A 433 -11.90 13.46 -11.71
N GLY A 434 -12.61 14.09 -10.78
CA GLY A 434 -14.06 13.91 -10.70
C GLY A 434 -14.40 12.81 -9.75
N ALA A 435 -13.38 12.30 -9.07
CA ALA A 435 -13.56 11.21 -8.13
C ALA A 435 -13.80 11.69 -6.71
N GLU A 436 -14.76 11.09 -6.03
CA GLU A 436 -14.99 11.46 -4.65
C GLU A 436 -14.11 10.56 -3.81
N PRO A 437 -13.23 11.16 -2.99
CA PRO A 437 -12.32 10.40 -2.15
C PRO A 437 -13.10 9.40 -1.33
N LEU A 438 -12.64 8.15 -1.33
CA LEU A 438 -13.30 7.11 -0.57
C LEU A 438 -12.46 6.72 0.62
N ALA A 439 -11.22 6.34 0.40
CA ALA A 439 -10.38 5.93 1.50
C ALA A 439 -8.90 6.21 1.29
N ILE A 440 -8.11 5.80 2.29
CA ILE A 440 -6.68 6.00 2.28
C ILE A 440 -5.92 4.74 2.70
N THR A 441 -4.96 4.34 1.87
CA THR A 441 -4.11 3.23 2.23
C THR A 441 -2.85 4.06 2.37
N ASN A 442 -2.10 3.87 3.44
CA ASN A 442 -0.91 4.69 3.61
C ASN A 442 0.30 3.95 4.17
N CYS A 443 1.46 4.45 3.80
CA CYS A 443 2.69 3.86 4.27
C CYS A 443 3.55 4.90 4.98
N VAL A 444 3.86 4.61 6.24
CA VAL A 444 4.70 5.48 7.04
C VAL A 444 6.14 5.06 6.77
N ASN A 445 6.96 6.02 6.39
CA ASN A 445 8.36 5.75 6.13
C ASN A 445 9.09 6.71 7.03
N TYR A 446 9.60 6.13 8.12
CA TYR A 446 10.29 6.89 9.14
C TYR A 446 11.65 6.33 9.52
N GLY A 447 12.47 7.18 10.12
CA GLY A 447 13.79 6.78 10.57
C GLY A 447 13.65 6.06 11.91
N ASP A 448 14.56 6.32 12.84
CA ASP A 448 14.50 5.67 14.13
C ASP A 448 13.51 6.40 15.04
N PRO A 449 12.46 5.68 15.50
CA PRO A 449 11.41 6.21 16.37
C PRO A 449 11.90 6.39 17.80
N ASP A 450 12.79 5.52 18.23
CA ASP A 450 13.32 5.58 19.58
C ASP A 450 14.10 6.86 19.79
N VAL A 451 14.70 7.34 18.70
CA VAL A 451 15.47 8.56 18.72
C VAL A 451 14.52 9.72 18.58
N ASP A 452 13.74 9.71 17.50
CA ASP A 452 12.79 10.78 17.24
C ASP A 452 11.37 10.24 17.30
N PRO A 453 10.82 10.13 18.51
CA PRO A 453 9.46 9.63 18.67
C PRO A 453 8.49 10.73 18.23
N VAL A 454 9.00 11.96 18.15
CA VAL A 454 8.20 13.11 17.77
C VAL A 454 7.76 13.12 16.32
N GLY A 455 8.74 12.99 15.42
CA GLY A 455 8.42 12.99 14.00
C GLY A 455 7.42 11.90 13.70
N LEU A 456 7.54 10.78 14.38
CA LEU A 456 6.63 9.66 14.18
C LEU A 456 5.24 10.11 14.59
N SER A 457 5.16 10.76 15.74
CA SER A 457 3.88 11.26 16.24
C SER A 457 3.33 12.33 15.31
N ALA A 458 4.16 13.32 14.98
CA ALA A 458 3.75 14.40 14.11
C ALA A 458 3.19 13.86 12.81
N MET A 459 3.88 12.86 12.27
CA MET A 459 3.48 12.22 11.02
C MET A 459 2.12 11.52 11.16
N MET A 460 1.98 10.76 12.23
CA MET A 460 0.74 10.05 12.47
C MET A 460 -0.41 10.99 12.78
N THR A 461 -0.15 12.04 13.56
CA THR A 461 -1.19 13.01 13.91
C THR A 461 -1.66 13.78 12.68
N ALA A 462 -0.69 14.20 11.86
CA ALA A 462 -1.00 14.94 10.64
C ALA A 462 -2.00 14.11 9.85
N LEU A 463 -1.66 12.84 9.64
CA LEU A 463 -2.52 11.90 8.92
C LEU A 463 -3.84 11.80 9.65
N LYS A 464 -3.79 11.56 10.95
CA LYS A 464 -5.00 11.47 11.74
C LYS A 464 -5.87 12.70 11.51
N ASN A 465 -5.30 13.88 11.80
CA ASN A 465 -6.00 15.14 11.64
C ASN A 465 -6.38 15.41 10.19
N ALA A 466 -5.53 14.94 9.26
CA ALA A 466 -5.77 15.13 7.83
C ALA A 466 -7.02 14.35 7.41
N CYS A 467 -7.14 13.11 7.88
CA CYS A 467 -8.30 12.29 7.56
C CYS A 467 -9.54 12.90 8.22
N GLU A 468 -9.36 13.48 9.40
CA GLU A 468 -10.47 14.08 10.13
C GLU A 468 -10.94 15.34 9.42
N PHE A 469 -10.00 16.12 8.92
CA PHE A 469 -10.34 17.35 8.22
C PHE A 469 -11.02 16.99 6.90
N SER A 470 -10.35 16.16 6.10
CA SER A 470 -10.88 15.76 4.81
C SER A 470 -12.13 14.91 4.92
N GLY A 471 -12.22 14.13 5.99
CA GLY A 471 -13.37 13.26 6.17
C GLY A 471 -13.10 11.93 5.49
N VAL A 472 -11.92 11.81 4.88
CA VAL A 472 -11.53 10.59 4.21
C VAL A 472 -10.85 9.67 5.21
N PRO A 473 -11.46 8.48 5.44
CA PRO A 473 -10.91 7.51 6.40
C PRO A 473 -9.71 6.70 5.87
N VAL A 474 -9.08 5.95 6.78
CA VAL A 474 -7.94 5.11 6.46
C VAL A 474 -8.39 3.65 6.38
N ALA A 475 -8.34 3.09 5.18
CA ALA A 475 -8.75 1.70 4.93
C ALA A 475 -7.68 0.68 5.34
N SER A 476 -6.42 1.09 5.27
CA SER A 476 -5.32 0.22 5.63
C SER A 476 -4.05 1.00 5.44
N GLY A 477 -2.91 0.33 5.57
CA GLY A 477 -1.64 1.01 5.40
C GLY A 477 -0.48 0.17 5.82
N ASN A 478 0.72 0.70 5.62
CA ASN A 478 1.94 -0.01 5.95
C ASN A 478 2.85 0.91 6.77
N ALA A 479 3.71 0.33 7.58
CA ALA A 479 4.65 1.12 8.37
C ALA A 479 6.08 0.61 8.22
N SER A 480 6.99 1.54 7.89
CA SER A 480 8.40 1.22 7.75
C SER A 480 9.22 2.22 8.54
N LEU A 481 9.72 1.76 9.68
CA LEU A 481 10.52 2.60 10.54
C LEU A 481 11.99 2.20 10.45
N TYR A 482 12.82 2.96 11.16
CA TYR A 482 14.26 2.70 11.23
C TYR A 482 14.93 2.77 9.87
N ASN A 483 14.51 3.73 9.07
CA ASN A 483 15.09 3.94 7.76
C ASN A 483 16.13 5.04 7.98
N THR A 484 17.38 4.62 8.20
CA THR A 484 18.45 5.58 8.46
C THR A 484 19.80 5.11 7.97
N TYR A 485 20.61 6.04 7.51
CA TYR A 485 21.95 5.70 7.07
C TYR A 485 22.88 6.27 8.10
N GLN A 486 23.60 5.40 8.79
CA GLN A 486 24.52 5.81 9.83
C GLN A 486 24.05 7.06 10.59
N GLY A 487 23.01 6.87 11.39
CA GLY A 487 22.46 7.96 12.18
C GLY A 487 21.35 8.71 11.49
N LYS A 488 21.67 9.32 10.36
CA LYS A 488 20.73 10.09 9.56
C LYS A 488 19.45 9.34 9.18
N PRO A 489 18.29 9.95 9.42
CA PRO A 489 17.00 9.34 9.09
C PRO A 489 16.54 9.79 7.71
N ILE A 490 15.72 8.99 7.05
CA ILE A 490 15.21 9.40 5.75
C ILE A 490 14.18 10.47 6.04
N PRO A 491 13.90 11.33 5.06
CA PRO A 491 12.90 12.36 5.32
C PRO A 491 11.58 11.68 5.71
N PRO A 492 10.87 12.25 6.68
CA PRO A 492 9.60 11.65 7.12
C PRO A 492 8.73 11.54 5.87
N THR A 493 8.55 10.33 5.36
CA THR A 493 7.77 10.17 4.14
C THR A 493 6.53 9.32 4.25
N LEU A 494 5.37 9.97 4.35
CA LEU A 494 4.13 9.22 4.42
C LEU A 494 3.54 9.24 3.02
N VAL A 495 3.52 8.08 2.39
CA VAL A 495 2.96 7.97 1.06
C VAL A 495 1.47 7.76 1.26
N VAL A 496 0.68 8.49 0.49
CA VAL A 496 -0.76 8.39 0.60
C VAL A 496 -1.38 7.76 -0.65
N GLY A 497 -1.88 6.55 -0.49
CA GLY A 497 -2.53 5.86 -1.58
C GLY A 497 -4.00 6.14 -1.36
N MET A 498 -4.54 7.09 -2.11
CA MET A 498 -5.93 7.44 -1.92
C MET A 498 -6.88 6.85 -2.93
N LEU A 499 -7.91 6.19 -2.43
CA LEU A 499 -8.93 5.57 -3.26
C LEU A 499 -10.08 6.55 -3.43
N GLY A 500 -10.57 6.67 -4.67
CA GLY A 500 -11.69 7.56 -4.93
C GLY A 500 -12.71 6.84 -5.77
N LYS A 501 -13.93 7.36 -5.81
CA LYS A 501 -15.01 6.75 -6.60
C LYS A 501 -15.29 7.71 -7.76
N VAL A 502 -15.64 7.16 -8.92
CA VAL A 502 -15.89 8.02 -10.07
C VAL A 502 -16.61 7.29 -11.19
N ASN A 503 -17.46 8.02 -11.91
CA ASN A 503 -18.17 7.45 -13.05
C ASN A 503 -17.30 7.81 -14.24
N PRO A 504 -16.67 6.81 -14.87
CA PRO A 504 -15.81 7.02 -16.03
C PRO A 504 -16.41 7.93 -17.09
N GLN A 505 -17.68 7.73 -17.38
CA GLN A 505 -18.37 8.54 -18.39
C GLN A 505 -18.33 10.00 -18.00
N LYS A 506 -18.05 10.26 -16.73
CA LYS A 506 -18.00 11.62 -16.20
C LYS A 506 -16.56 12.05 -15.94
N VAL A 507 -15.61 11.37 -16.57
CA VAL A 507 -14.20 11.70 -16.40
C VAL A 507 -13.73 12.57 -17.56
N ALA A 508 -13.32 13.80 -17.25
CA ALA A 508 -12.86 14.73 -18.28
C ALA A 508 -11.54 14.37 -18.94
N LYS A 509 -11.52 14.42 -20.26
CA LYS A 509 -10.31 14.13 -21.02
C LYS A 509 -9.78 15.43 -21.64
N PRO A 510 -8.46 15.48 -21.89
CA PRO A 510 -7.85 16.66 -22.51
C PRO A 510 -8.46 16.98 -23.87
N LYS A 511 -8.64 18.28 -24.14
CA LYS A 511 -9.17 18.74 -25.41
C LYS A 511 -8.72 20.19 -25.53
N PRO A 512 -8.59 20.69 -26.77
CA PRO A 512 -8.16 22.08 -26.87
C PRO A 512 -9.03 22.88 -25.92
N SER A 513 -8.39 23.66 -25.05
CA SER A 513 -9.12 24.45 -24.10
C SER A 513 -8.25 25.54 -23.52
N LYS A 514 -8.84 26.41 -22.74
CA LYS A 514 -8.10 27.49 -22.12
C LYS A 514 -7.60 26.99 -20.78
N VAL A 515 -6.34 27.29 -20.47
CA VAL A 515 -5.76 26.86 -19.23
C VAL A 515 -5.81 27.98 -18.19
N PHE A 516 -6.42 27.68 -17.05
CA PHE A 516 -6.53 28.64 -15.98
C PHE A 516 -5.88 28.12 -14.69
N ALA A 517 -5.23 29.03 -13.98
CA ALA A 517 -4.62 28.69 -12.71
C ALA A 517 -5.74 28.97 -11.72
N VAL A 518 -6.11 27.99 -10.90
CA VAL A 518 -7.19 28.22 -9.96
C VAL A 518 -6.78 27.86 -8.55
N GLY A 519 -6.81 28.86 -7.67
CA GLY A 519 -6.44 28.64 -6.29
C GLY A 519 -5.53 29.73 -5.76
N TRP A 520 -4.54 29.33 -4.96
CA TRP A 520 -3.59 30.27 -4.38
C TRP A 520 -2.15 29.79 -4.47
N ASN A 521 -1.24 30.75 -4.41
CA ASN A 521 0.20 30.48 -4.48
C ASN A 521 0.70 29.92 -3.15
N ASP A 522 -0.04 30.23 -2.08
CA ASP A 522 0.30 29.76 -0.75
C ASP A 522 -0.78 28.85 -0.18
N PHE A 523 -0.56 28.38 1.03
CA PHE A 523 -1.48 27.47 1.68
C PHE A 523 -2.00 27.95 3.02
N GLU A 524 -3.29 27.71 3.23
CA GLU A 524 -4.00 28.05 4.44
C GLU A 524 -4.96 26.89 4.62
N LEU A 525 -4.55 25.91 5.42
CA LEU A 525 -5.36 24.72 5.65
C LEU A 525 -6.85 24.88 5.43
N GLU A 526 -7.50 25.69 6.25
CA GLU A 526 -8.94 25.89 6.14
C GLU A 526 -9.51 26.11 4.75
N ARG A 527 -8.99 27.09 4.01
CA ARG A 527 -9.53 27.34 2.67
C ARG A 527 -9.31 26.18 1.69
N GLU A 528 -8.73 25.07 2.16
CA GLU A 528 -8.50 23.92 1.29
C GLU A 528 -9.83 23.39 0.78
N LYS A 529 -10.82 23.41 1.66
CA LYS A 529 -12.14 22.90 1.32
C LYS A 529 -12.87 23.75 0.29
N GLU A 530 -12.55 25.03 0.25
CA GLU A 530 -13.16 25.92 -0.74
C GLU A 530 -12.52 25.62 -2.10
N LEU A 531 -11.28 25.14 -2.07
CA LEU A 531 -10.55 24.77 -3.27
C LEU A 531 -11.17 23.47 -3.79
N TRP A 532 -11.51 22.57 -2.86
CA TRP A 532 -12.13 21.31 -3.23
C TRP A 532 -13.50 21.58 -3.82
N ARG A 533 -14.28 22.40 -3.11
CA ARG A 533 -15.63 22.76 -3.57
C ARG A 533 -15.52 23.22 -5.01
N ALA A 534 -14.49 24.01 -5.26
CA ALA A 534 -14.18 24.58 -6.57
C ALA A 534 -13.84 23.52 -7.59
N ILE A 535 -12.93 22.64 -7.21
CA ILE A 535 -12.50 21.56 -8.07
C ILE A 535 -13.73 20.76 -8.43
N ARG A 536 -14.60 20.58 -7.45
CA ARG A 536 -15.83 19.81 -7.65
C ARG A 536 -16.78 20.41 -8.69
N LYS A 537 -17.05 21.71 -8.59
CA LYS A 537 -17.93 22.37 -9.54
C LYS A 537 -17.36 22.30 -10.95
N LEU A 538 -16.11 22.74 -11.10
CA LEU A 538 -15.45 22.71 -12.39
C LEU A 538 -15.43 21.31 -12.98
N SER A 539 -14.97 20.35 -12.18
CA SER A 539 -14.93 18.96 -12.62
C SER A 539 -16.34 18.51 -13.02
N GLU A 540 -17.33 18.95 -12.24
CA GLU A 540 -18.72 18.61 -12.48
C GLU A 540 -19.17 19.13 -13.83
N GLU A 541 -18.63 20.30 -14.20
CA GLU A 541 -18.97 20.94 -15.47
C GLU A 541 -18.07 20.40 -16.57
N GLY A 542 -17.41 19.28 -16.27
CA GLY A 542 -16.55 18.62 -17.23
C GLY A 542 -15.18 19.21 -17.51
N ALA A 543 -14.76 20.20 -16.73
CA ALA A 543 -13.45 20.81 -16.96
C ALA A 543 -12.34 19.81 -16.65
N PHE A 544 -11.22 19.92 -17.37
CA PHE A 544 -10.07 19.05 -17.14
C PHE A 544 -9.23 19.70 -16.03
N ILE A 545 -8.68 18.91 -15.12
CA ILE A 545 -7.91 19.54 -14.04
C ILE A 545 -6.66 18.79 -13.60
N LEU A 546 -5.58 19.54 -13.42
CA LEU A 546 -4.31 19.00 -12.96
C LEU A 546 -4.04 19.60 -11.58
N SER A 547 -3.54 18.77 -10.68
CA SER A 547 -3.21 19.21 -9.33
C SER A 547 -1.80 18.72 -9.05
N SER A 548 -0.83 19.60 -9.30
CA SER A 548 0.57 19.27 -9.12
C SER A 548 1.31 20.39 -8.39
N SER A 549 2.31 20.01 -7.60
CA SER A 549 3.13 20.97 -6.86
C SER A 549 3.77 21.92 -7.85
N GLN A 550 4.09 21.39 -9.02
CA GLN A 550 4.70 22.16 -10.09
C GLN A 550 3.62 22.72 -11.00
N LEU A 551 2.36 22.47 -10.64
CA LEU A 551 1.22 22.92 -11.43
C LEU A 551 1.19 22.11 -12.70
N LEU A 552 2.31 22.12 -13.41
CA LEU A 552 2.48 21.39 -14.65
C LEU A 552 3.90 20.83 -14.62
N THR A 553 4.03 19.57 -15.03
CA THR A 553 5.31 18.90 -15.08
C THR A 553 5.57 18.43 -16.50
N ARG A 554 6.75 17.86 -16.73
CA ARG A 554 7.11 17.38 -18.05
C ARG A 554 6.15 16.25 -18.44
N THR A 555 5.78 15.42 -17.48
CA THR A 555 4.86 14.32 -17.73
C THR A 555 3.54 14.89 -18.26
N HIS A 556 3.02 15.90 -17.56
CA HIS A 556 1.79 16.56 -17.97
C HIS A 556 1.93 16.98 -19.44
N VAL A 557 3.05 17.60 -19.79
CA VAL A 557 3.30 18.04 -21.16
C VAL A 557 3.44 16.81 -22.06
N GLU A 558 4.22 15.83 -21.59
CA GLU A 558 4.44 14.59 -22.30
C GLU A 558 3.10 14.01 -22.67
N THR A 559 2.32 13.73 -21.63
CA THR A 559 0.99 13.13 -21.75
C THR A 559 0.07 13.92 -22.68
N PHE A 560 0.15 15.25 -22.62
CA PHE A 560 -0.69 16.05 -23.50
C PHE A 560 -0.32 15.75 -24.93
N ARG A 561 0.99 15.61 -25.19
CA ARG A 561 1.44 15.31 -26.55
C ARG A 561 0.79 14.04 -27.04
N GLU A 562 0.54 13.09 -26.12
CA GLU A 562 -0.11 11.83 -26.48
C GLU A 562 -1.49 12.11 -27.05
N TYR A 563 -2.03 13.27 -26.69
CA TYR A 563 -3.35 13.68 -27.15
C TYR A 563 -3.15 14.62 -28.33
N GLY A 564 -1.89 14.91 -28.63
CA GLY A 564 -1.60 15.80 -29.73
C GLY A 564 -1.96 17.20 -29.30
N LEU A 565 -1.59 17.54 -28.08
CA LEU A 565 -1.88 18.85 -27.52
C LEU A 565 -0.65 19.59 -27.02
N LYS A 566 -0.64 20.90 -27.27
CA LYS A 566 0.42 21.79 -26.88
C LYS A 566 -0.03 22.62 -25.68
N ILE A 567 0.74 22.61 -24.61
CA ILE A 567 0.41 23.38 -23.42
C ILE A 567 1.31 24.60 -23.36
N GLU A 568 0.72 25.76 -23.57
CA GLU A 568 1.45 27.01 -23.54
C GLU A 568 0.85 27.82 -22.39
N VAL A 569 1.59 27.99 -21.31
CA VAL A 569 1.07 28.74 -20.18
C VAL A 569 2.08 29.62 -19.47
N LYS A 570 1.55 30.62 -18.79
CA LYS A 570 2.37 31.55 -18.03
C LYS A 570 2.19 31.08 -16.59
N LEU A 571 2.68 29.86 -16.32
CA LEU A 571 2.59 29.28 -15.00
C LEU A 571 2.91 30.28 -13.90
N PRO A 572 1.93 30.55 -13.04
CA PRO A 572 2.08 31.48 -11.90
C PRO A 572 3.20 31.03 -10.98
N GLU A 573 3.93 31.97 -10.39
CA GLU A 573 5.01 31.59 -9.46
C GLU A 573 4.27 31.02 -8.27
N VAL A 574 4.68 29.85 -7.80
CA VAL A 574 3.98 29.24 -6.70
C VAL A 574 4.85 28.78 -5.53
N ARG A 575 4.24 28.66 -4.36
CA ARG A 575 4.97 28.24 -3.18
C ARG A 575 5.09 26.71 -3.17
N PRO A 576 5.98 26.15 -2.34
CA PRO A 576 6.13 24.69 -2.28
C PRO A 576 4.77 24.08 -1.96
N ALA A 577 4.18 24.55 -0.87
CA ALA A 577 2.86 24.09 -0.46
C ALA A 577 1.90 25.19 -0.86
N HIS A 578 1.22 25.00 -1.98
CA HIS A 578 0.28 25.98 -2.48
C HIS A 578 -1.07 25.33 -2.63
N GLN A 579 -2.09 26.17 -2.86
CA GLN A 579 -3.45 25.72 -3.03
C GLN A 579 -3.99 26.13 -4.40
N MET A 580 -3.22 25.82 -5.43
CA MET A 580 -3.62 26.17 -6.79
C MET A 580 -3.62 24.95 -7.70
N VAL A 581 -4.54 24.94 -8.65
CA VAL A 581 -4.64 23.83 -9.58
C VAL A 581 -4.74 24.41 -10.99
N LEU A 582 -4.56 23.56 -11.99
CA LEU A 582 -4.64 24.03 -13.37
C LEU A 582 -5.93 23.49 -13.97
N VAL A 583 -6.80 24.41 -14.38
CA VAL A 583 -8.07 24.02 -14.96
C VAL A 583 -8.11 24.28 -16.45
N PHE A 584 -8.45 23.26 -17.22
CA PHE A 584 -8.54 23.40 -18.67
C PHE A 584 -10.01 23.31 -19.06
N SER A 585 -10.50 24.39 -19.68
CA SER A 585 -11.88 24.46 -20.12
C SER A 585 -11.98 25.53 -21.20
N GLU A 586 -13.08 25.51 -21.95
CA GLU A 586 -13.30 26.50 -22.99
C GLU A 586 -13.64 27.79 -22.25
N ARG A 587 -14.78 27.75 -21.56
CA ARG A 587 -15.33 28.84 -20.77
C ARG A 587 -14.45 29.13 -19.55
N THR A 588 -14.32 30.40 -19.17
CA THR A 588 -13.51 30.72 -18.01
C THR A 588 -14.20 30.23 -16.74
N PRO A 589 -13.47 29.45 -15.93
CA PRO A 589 -14.02 28.91 -14.69
C PRO A 589 -14.77 29.95 -13.88
N VAL A 590 -15.84 29.52 -13.24
CA VAL A 590 -16.63 30.40 -12.41
C VAL A 590 -16.80 29.74 -11.06
N VAL A 591 -15.84 30.00 -10.17
CA VAL A 591 -15.85 29.44 -8.83
C VAL A 591 -15.58 30.53 -7.79
N ASP A 592 -15.60 30.14 -6.52
CA ASP A 592 -15.36 31.08 -5.42
C ASP A 592 -13.91 30.98 -5.01
N VAL A 593 -13.03 30.87 -5.99
CA VAL A 593 -11.60 30.75 -5.76
C VAL A 593 -10.90 31.55 -6.85
N PRO A 594 -9.72 32.09 -6.56
CA PRO A 594 -9.00 32.87 -7.57
C PRO A 594 -8.85 32.12 -8.90
N VAL A 595 -9.26 32.77 -9.99
CA VAL A 595 -9.16 32.17 -11.31
C VAL A 595 -8.35 33.09 -12.19
N LYS A 596 -7.42 32.51 -12.93
CA LYS A 596 -6.58 33.29 -13.84
C LYS A 596 -6.24 32.50 -15.10
N GLU A 597 -6.68 33.00 -16.25
CA GLU A 597 -6.40 32.39 -17.53
C GLU A 597 -4.89 32.52 -17.66
N ILE A 598 -4.18 31.40 -17.70
CA ILE A 598 -2.71 31.43 -17.77
C ILE A 598 -2.08 30.99 -19.09
N GLY A 599 -2.89 30.51 -20.02
CA GLY A 599 -2.37 30.05 -21.29
C GLY A 599 -3.43 29.22 -22.00
N THR A 600 -2.99 28.29 -22.83
CA THR A 600 -3.90 27.45 -23.59
C THR A 600 -3.38 26.05 -23.91
N LEU A 601 -4.32 25.13 -24.12
CA LEU A 601 -4.02 23.75 -24.49
C LEU A 601 -4.70 23.62 -25.84
N SER A 602 -3.93 23.38 -26.89
CA SER A 602 -4.53 23.30 -28.21
C SER A 602 -3.81 22.43 -29.22
N ARG A 603 -4.37 22.45 -30.44
CA ARG A 603 -3.89 21.69 -31.60
C ARG A 603 -4.33 20.24 -31.58
#